data_5Z5W
#
_entry.id   5Z5W
#
_entity_poly.entity_id   1
_entity_poly.type   'polypeptide(L)'
_entity_poly.pdbx_seq_one_letter_code
;VFRLKKWIQKVI
;
_entity_poly.pdbx_strand_id   A
#
# COMPACT_ATOMS: atom_id res chain seq x y z
N VAL A 1 -3.45 -8.99 -8.01
CA VAL A 1 -2.98 -7.67 -7.61
C VAL A 1 -2.26 -7.72 -6.27
N PHE A 2 -0.93 -7.72 -6.31
CA PHE A 2 -0.13 -7.76 -5.09
C PHE A 2 0.62 -6.45 -4.87
N ARG A 3 -0.11 -5.34 -5.01
CA ARG A 3 0.49 -4.03 -4.84
C ARG A 3 -0.10 -3.32 -3.61
N LEU A 4 0.34 -3.75 -2.44
CA LEU A 4 -0.14 -3.17 -1.18
C LEU A 4 0.98 -2.41 -0.48
N LYS A 5 2.10 -2.23 -1.17
CA LYS A 5 3.24 -1.52 -0.61
C LYS A 5 3.28 -0.07 -1.11
N LYS A 6 2.29 0.30 -1.91
CA LYS A 6 2.20 1.64 -2.45
C LYS A 6 1.09 2.44 -1.76
N TRP A 7 0.10 1.73 -1.23
CA TRP A 7 -1.02 2.36 -0.56
C TRP A 7 -0.85 2.29 0.97
N ILE A 8 0.02 1.38 1.41
CA ILE A 8 0.26 1.21 2.84
C ILE A 8 0.85 2.48 3.45
N GLN A 9 1.77 3.11 2.71
CA GLN A 9 2.40 4.34 3.18
C GLN A 9 1.36 5.41 3.50
N LYS A 10 0.17 5.25 2.93
CA LYS A 10 -0.91 6.20 3.15
C LYS A 10 -1.94 5.64 4.12
N VAL A 11 -2.20 4.34 4.02
CA VAL A 11 -3.16 3.67 4.88
C VAL A 11 -2.63 3.56 6.31
N ILE A 12 -1.30 3.57 6.44
CA ILE A 12 -0.67 3.47 7.75
C ILE A 12 -1.03 4.66 8.64
N VAL A 1 -4.47 -8.51 -6.14
CA VAL A 1 -3.27 -7.86 -6.66
C VAL A 1 -2.18 -7.79 -5.60
N PHE A 2 -0.94 -7.69 -6.04
CA PHE A 2 0.20 -7.61 -5.13
C PHE A 2 0.73 -6.18 -5.03
N ARG A 3 -0.18 -5.22 -5.20
CA ARG A 3 0.20 -3.81 -5.13
C ARG A 3 -0.36 -3.16 -3.87
N LEU A 4 0.07 -3.67 -2.71
CA LEU A 4 -0.38 -3.14 -1.43
C LEU A 4 0.76 -2.47 -0.68
N LYS A 5 1.89 -2.30 -1.37
CA LYS A 5 3.06 -1.66 -0.77
C LYS A 5 3.16 -0.21 -1.20
N LYS A 6 2.19 0.25 -1.98
CA LYS A 6 2.17 1.63 -2.45
C LYS A 6 1.09 2.44 -1.72
N TRP A 7 0.07 1.74 -1.23
CA TRP A 7 -1.02 2.39 -0.53
C TRP A 7 -0.86 2.24 0.99
N ILE A 8 -0.04 1.27 1.39
CA ILE A 8 0.21 1.03 2.80
C ILE A 8 0.84 2.24 3.48
N GLN A 9 1.79 2.87 2.78
CA GLN A 9 2.48 4.04 3.29
C GLN A 9 1.47 5.13 3.67
N LYS A 10 0.28 5.06 3.09
CA LYS A 10 -0.76 6.04 3.37
C LYS A 10 -1.84 5.46 4.28
N VAL A 11 -2.05 4.15 4.18
CA VAL A 11 -3.05 3.47 5.00
C VAL A 11 -2.55 3.30 6.43
N ILE A 12 -1.24 3.27 6.59
CA ILE A 12 -0.64 3.11 7.91
C ILE A 12 -1.20 4.11 8.91
N VAL A 1 -3.49 -6.28 -8.03
CA VAL A 1 -3.76 -7.20 -6.93
C VAL A 1 -2.61 -7.19 -5.92
N PHE A 2 -1.40 -6.92 -6.40
CA PHE A 2 -0.23 -6.89 -5.55
C PHE A 2 0.30 -5.47 -5.41
N ARG A 3 -0.60 -4.50 -5.50
CA ARG A 3 -0.23 -3.09 -5.38
C ARG A 3 -0.76 -2.49 -4.08
N LEU A 4 -0.25 -2.99 -2.96
CA LEU A 4 -0.66 -2.51 -1.65
C LEU A 4 0.51 -1.91 -0.89
N LYS A 5 1.63 -1.73 -1.58
CA LYS A 5 2.82 -1.16 -0.97
C LYS A 5 2.96 0.32 -1.32
N LYS A 6 1.99 0.84 -2.05
CA LYS A 6 2.00 2.24 -2.45
C LYS A 6 0.96 3.04 -1.67
N TRP A 7 -0.08 2.35 -1.20
CA TRP A 7 -1.14 2.99 -0.44
C TRP A 7 -0.97 2.76 1.05
N ILE A 8 -0.17 1.74 1.39
CA ILE A 8 0.09 1.41 2.79
C ILE A 8 0.78 2.57 3.52
N GLN A 9 1.73 3.20 2.83
CA GLN A 9 2.45 4.32 3.40
C GLN A 9 1.51 5.43 3.84
N LYS A 10 0.30 5.42 3.29
CA LYS A 10 -0.70 6.42 3.63
C LYS A 10 -1.77 5.84 4.56
N VAL A 11 -2.12 4.57 4.32
CA VAL A 11 -3.12 3.89 5.13
C VAL A 11 -2.58 3.59 6.53
N ILE A 12 -1.25 3.51 6.64
CA ILE A 12 -0.62 3.22 7.92
C ILE A 12 -0.81 4.38 8.90
N VAL A 1 0.47 -7.29 -8.86
CA VAL A 1 1.56 -7.53 -7.91
C VAL A 1 1.57 -6.47 -6.81
N PHE A 2 1.46 -5.21 -7.22
CA PHE A 2 1.46 -4.10 -6.27
C PHE A 2 0.09 -3.42 -6.22
N ARG A 3 -0.77 -3.94 -5.35
CA ARG A 3 -2.12 -3.39 -5.20
C ARG A 3 -2.30 -2.76 -3.82
N LEU A 4 -1.61 -3.32 -2.83
CA LEU A 4 -1.69 -2.82 -1.46
C LEU A 4 -0.35 -2.25 -1.01
N LYS A 5 0.57 -2.11 -1.96
CA LYS A 5 1.90 -1.57 -1.66
C LYS A 5 1.99 -0.10 -2.04
N LYS A 6 0.88 0.45 -2.54
CA LYS A 6 0.83 1.85 -2.94
C LYS A 6 0.02 2.67 -1.94
N TRP A 7 -0.88 2.01 -1.23
CA TRP A 7 -1.73 2.68 -0.24
C TRP A 7 -1.20 2.44 1.17
N ILE A 8 -0.37 1.41 1.32
CA ILE A 8 0.21 1.07 2.61
C ILE A 8 1.07 2.20 3.15
N GLN A 9 1.84 2.83 2.25
CA GLN A 9 2.72 3.93 2.64
C GLN A 9 1.91 5.05 3.29
N LYS A 10 0.60 5.07 3.04
CA LYS A 10 -0.28 6.10 3.59
C LYS A 10 -1.11 5.53 4.73
N VAL A 11 -1.49 4.26 4.61
CA VAL A 11 -2.30 3.60 5.62
C VAL A 11 -1.46 3.26 6.86
N ILE A 12 -0.14 3.17 6.66
CA ILE A 12 0.77 2.85 7.75
C ILE A 12 0.82 3.99 8.76
N VAL A 1 -0.95 -9.40 -8.54
CA VAL A 1 -1.78 -8.26 -8.16
C VAL A 1 -1.59 -7.91 -6.68
N PHE A 2 -0.37 -8.10 -6.19
CA PHE A 2 -0.06 -7.80 -4.80
C PHE A 2 0.57 -6.42 -4.66
N ARG A 3 -0.24 -5.39 -4.87
CA ARG A 3 0.24 -4.01 -4.78
C ARG A 3 -0.31 -3.32 -3.54
N LEU A 4 0.14 -3.77 -2.37
CA LEU A 4 -0.31 -3.19 -1.11
C LEU A 4 0.83 -2.47 -0.40
N LYS A 5 1.94 -2.30 -1.10
CA LYS A 5 3.11 -1.62 -0.54
C LYS A 5 3.16 -0.16 -0.99
N LYS A 6 2.15 0.25 -1.76
CA LYS A 6 2.09 1.62 -2.26
C LYS A 6 1.00 2.41 -1.53
N TRP A 7 0.01 1.70 -1.01
CA TRP A 7 -1.09 2.34 -0.30
C TRP A 7 -0.90 2.21 1.21
N ILE A 8 -0.05 1.27 1.61
CA ILE A 8 0.22 1.05 3.03
C ILE A 8 0.84 2.29 3.68
N GLN A 9 1.74 2.93 2.95
CA GLN A 9 2.41 4.13 3.45
C GLN A 9 1.40 5.21 3.80
N LYS A 10 0.19 5.09 3.26
CA LYS A 10 -0.87 6.06 3.52
C LYS A 10 -1.91 5.47 4.47
N VAL A 11 -2.15 4.17 4.35
CA VAL A 11 -3.12 3.48 5.21
C VAL A 11 -2.56 3.30 6.62
N ILE A 12 -1.24 3.31 6.74
CA ILE A 12 -0.59 3.14 8.02
C ILE A 12 -1.12 4.13 9.05
N VAL A 1 -2.03 -6.37 -8.70
CA VAL A 1 -2.92 -6.94 -7.69
C VAL A 1 -2.24 -7.03 -6.34
N PHE A 2 -0.93 -7.30 -6.36
CA PHE A 2 -0.15 -7.41 -5.13
C PHE A 2 0.55 -6.09 -4.80
N ARG A 3 -0.03 -4.99 -5.28
CA ARG A 3 0.55 -3.67 -5.05
C ARG A 3 -0.08 -3.01 -3.82
N LEU A 4 0.39 -3.41 -2.64
CA LEU A 4 -0.13 -2.87 -1.38
C LEU A 4 0.99 -2.20 -0.59
N LYS A 5 2.14 -2.03 -1.22
CA LYS A 5 3.29 -1.40 -0.57
C LYS A 5 3.42 0.05 -1.00
N LYS A 6 2.48 0.52 -1.82
CA LYS A 6 2.49 1.89 -2.29
C LYS A 6 1.38 2.70 -1.63
N TRP A 7 0.33 2.02 -1.19
CA TRP A 7 -0.79 2.67 -0.53
C TRP A 7 -0.69 2.55 0.98
N ILE A 8 0.09 1.57 1.44
CA ILE A 8 0.27 1.35 2.87
C ILE A 8 0.91 2.56 3.54
N GLN A 9 1.90 3.15 2.86
CA GLN A 9 2.58 4.32 3.39
C GLN A 9 1.61 5.45 3.70
N LYS A 10 0.44 5.38 3.08
CA LYS A 10 -0.59 6.40 3.28
C LYS A 10 -1.71 5.86 4.18
N VAL A 11 -1.98 4.56 4.06
CA VAL A 11 -3.02 3.93 4.86
C VAL A 11 -2.58 3.74 6.31
N ILE A 12 -1.27 3.68 6.52
CA ILE A 12 -0.72 3.51 7.85
C ILE A 12 -1.15 4.65 8.78
N VAL A 1 -1.20 -7.12 -9.13
CA VAL A 1 -1.97 -8.04 -8.32
C VAL A 1 -1.74 -7.80 -6.84
N PHE A 2 -0.49 -7.54 -6.48
CA PHE A 2 -0.13 -7.29 -5.09
C PHE A 2 0.49 -5.90 -4.92
N ARG A 3 -0.35 -4.87 -5.08
CA ARG A 3 0.10 -3.49 -4.95
C ARG A 3 -0.40 -2.87 -3.65
N LEU A 4 0.10 -3.37 -2.53
CA LEU A 4 -0.30 -2.87 -1.23
C LEU A 4 0.86 -2.18 -0.53
N LYS A 5 1.95 -1.95 -1.28
CA LYS A 5 3.12 -1.29 -0.73
C LYS A 5 3.16 0.18 -1.13
N LYS A 6 2.13 0.62 -1.84
CA LYS A 6 2.04 2.00 -2.29
C LYS A 6 0.99 2.76 -1.50
N TRP A 7 0.02 2.03 -0.96
CA TRP A 7 -1.05 2.64 -0.18
C TRP A 7 -0.79 2.47 1.32
N ILE A 8 0.06 1.51 1.67
CA ILE A 8 0.39 1.26 3.06
C ILE A 8 1.04 2.47 3.71
N GLN A 9 1.93 3.13 2.96
CA GLN A 9 2.62 4.32 3.46
C GLN A 9 1.62 5.38 3.91
N LYS A 10 0.40 5.28 3.41
CA LYS A 10 -0.65 6.24 3.75
C LYS A 10 -1.65 5.61 4.72
N VAL A 11 -1.84 4.31 4.61
CA VAL A 11 -2.78 3.59 5.48
C VAL A 11 -2.19 3.41 6.88
N ILE A 12 -0.86 3.42 6.96
CA ILE A 12 -0.18 3.25 8.24
C ILE A 12 -0.72 4.22 9.28
N VAL A 1 -2.03 -6.97 -8.57
CA VAL A 1 -2.73 -7.75 -7.55
C VAL A 1 -1.98 -7.71 -6.22
N PHE A 2 -0.66 -7.70 -6.29
CA PHE A 2 0.16 -7.66 -5.09
C PHE A 2 0.82 -6.30 -4.92
N ARG A 3 0.05 -5.24 -5.12
CA ARG A 3 0.56 -3.88 -5.00
C ARG A 3 -0.04 -3.19 -3.78
N LEU A 4 0.41 -3.59 -2.59
CA LEU A 4 -0.08 -3.01 -1.35
C LEU A 4 1.04 -2.26 -0.62
N LYS A 5 2.16 -2.09 -1.30
CA LYS A 5 3.30 -1.38 -0.73
C LYS A 5 3.32 0.07 -1.18
N LYS A 6 2.32 0.47 -1.94
CA LYS A 6 2.22 1.84 -2.43
C LYS A 6 1.13 2.61 -1.69
N TRP A 7 0.15 1.87 -1.17
CA TRP A 7 -0.95 2.49 -0.43
C TRP A 7 -0.73 2.36 1.08
N ILE A 8 0.10 1.41 1.48
CA ILE A 8 0.40 1.20 2.89
C ILE A 8 0.99 2.45 3.52
N GLN A 9 1.86 3.12 2.80
CA GLN A 9 2.50 4.34 3.28
C GLN A 9 1.47 5.40 3.59
N LYS A 10 0.26 5.23 3.05
CA LYS A 10 -0.82 6.18 3.27
C LYS A 10 -1.82 5.64 4.28
N VAL A 11 -2.14 4.36 4.16
CA VAL A 11 -3.08 3.71 5.07
C VAL A 11 -2.50 3.58 6.47
N ILE A 12 -1.17 3.54 6.56
CA ILE A 12 -0.49 3.42 7.84
C ILE A 12 -0.95 4.51 8.81
N VAL A 1 -3.97 -6.23 -5.77
CA VAL A 1 -3.82 -7.12 -4.63
C VAL A 1 -2.35 -7.34 -4.28
N PHE A 2 -1.50 -7.33 -5.30
CA PHE A 2 -0.06 -7.53 -5.10
C PHE A 2 0.62 -6.21 -4.74
N ARG A 3 0.29 -5.16 -5.49
CA ARG A 3 0.87 -3.85 -5.25
C ARG A 3 0.22 -3.18 -4.04
N LEU A 4 0.54 -3.67 -2.86
CA LEU A 4 -0.02 -3.11 -1.62
C LEU A 4 1.07 -2.41 -0.82
N LYS A 5 2.24 -2.23 -1.42
CA LYS A 5 3.35 -1.55 -0.75
C LYS A 5 3.45 -0.10 -1.20
N LYS A 6 2.57 0.30 -2.11
CA LYS A 6 2.56 1.66 -2.61
C LYS A 6 1.44 2.48 -1.98
N TRP A 7 0.40 1.79 -1.54
CA TRP A 7 -0.74 2.45 -0.91
C TRP A 7 -0.67 2.34 0.61
N ILE A 8 0.11 1.38 1.09
CA ILE A 8 0.27 1.16 2.52
C ILE A 8 0.86 2.40 3.19
N GLN A 9 1.84 3.01 2.55
CA GLN A 9 2.48 4.22 3.07
C GLN A 9 1.45 5.27 3.42
N LYS A 10 0.28 5.18 2.79
CA LYS A 10 -0.80 6.14 3.03
C LYS A 10 -1.89 5.52 3.90
N VAL A 11 -2.04 4.21 3.82
CA VAL A 11 -3.05 3.50 4.60
C VAL A 11 -2.62 3.37 6.06
N ILE A 12 -1.31 3.39 6.29
CA ILE A 12 -0.77 3.28 7.64
C ILE A 12 -1.43 4.28 8.58
N VAL A 1 -2.21 -4.54 -8.73
CA VAL A 1 -3.23 -5.24 -7.97
C VAL A 1 -2.68 -5.78 -6.66
N PHE A 2 -1.37 -6.02 -6.64
CA PHE A 2 -0.71 -6.54 -5.45
C PHE A 2 0.25 -5.50 -4.86
N ARG A 3 -0.12 -4.23 -4.97
CA ARG A 3 0.71 -3.16 -4.45
C ARG A 3 0.33 -2.82 -3.01
N LEU A 4 0.76 -3.66 -2.09
CA LEU A 4 0.47 -3.46 -0.67
C LEU A 4 1.47 -2.49 -0.04
N LYS A 5 2.56 -2.24 -0.75
CA LYS A 5 3.60 -1.34 -0.27
C LYS A 5 3.40 0.07 -0.82
N LYS A 6 2.33 0.25 -1.59
CA LYS A 6 2.02 1.54 -2.19
C LYS A 6 0.83 2.19 -1.49
N TRP A 7 -0.02 1.36 -0.89
CA TRP A 7 -1.20 1.86 -0.18
C TRP A 7 -0.96 1.89 1.31
N ILE A 8 0.01 1.11 1.78
CA ILE A 8 0.34 1.06 3.19
C ILE A 8 0.74 2.43 3.73
N GLN A 9 1.51 3.16 2.93
CA GLN A 9 1.97 4.49 3.32
C GLN A 9 0.78 5.42 3.55
N LYS A 10 -0.39 5.02 3.04
CA LYS A 10 -1.59 5.82 3.19
C LYS A 10 -2.52 5.23 4.25
N VAL A 11 -2.62 3.90 4.25
CA VAL A 11 -3.47 3.20 5.22
C VAL A 11 -2.87 3.25 6.62
N ILE A 12 -1.54 3.40 6.67
CA ILE A 12 -0.84 3.46 7.95
C ILE A 12 -1.33 4.63 8.80
N VAL A 1 0.30 -7.98 -9.25
CA VAL A 1 -1.05 -8.14 -8.70
C VAL A 1 -1.12 -7.64 -7.26
N PHE A 2 0.01 -7.68 -6.57
CA PHE A 2 0.08 -7.24 -5.18
C PHE A 2 0.60 -5.81 -5.09
N ARG A 3 -0.31 -4.86 -5.19
CA ARG A 3 0.06 -3.44 -5.12
C ARG A 3 -0.52 -2.79 -3.86
N LEU A 4 -0.10 -3.30 -2.71
CA LEU A 4 -0.58 -2.77 -1.43
C LEU A 4 0.56 -2.11 -0.65
N LYS A 5 1.70 -1.93 -1.32
CA LYS A 5 2.86 -1.31 -0.69
C LYS A 5 2.95 0.16 -1.06
N LYS A 6 1.96 0.65 -1.81
CA LYS A 6 1.93 2.04 -2.23
C LYS A 6 0.86 2.81 -1.45
N TRP A 7 -0.15 2.09 -0.97
CA TRP A 7 -1.24 2.71 -0.21
C TRP A 7 -1.03 2.49 1.29
N ILE A 8 -0.24 1.49 1.63
CA ILE A 8 0.03 1.18 3.03
C ILE A 8 0.66 2.36 3.75
N GLN A 9 1.59 3.04 3.05
CA GLN A 9 2.27 4.20 3.62
C GLN A 9 1.28 5.29 3.98
N LYS A 10 0.07 5.20 3.42
CA LYS A 10 -0.98 6.18 3.67
C LYS A 10 -2.02 5.64 4.64
N VAL A 11 -2.38 4.38 4.46
CA VAL A 11 -3.36 3.73 5.32
C VAL A 11 -2.80 3.48 6.72
N ILE A 12 -1.48 3.36 6.79
CA ILE A 12 -0.81 3.12 8.08
C ILE A 12 -1.10 4.24 9.06
N VAL A 1 -3.03 -9.26 -8.18
CA VAL A 1 -2.37 -7.99 -7.90
C VAL A 1 -2.01 -7.88 -6.43
N PHE A 2 -0.72 -7.73 -6.15
CA PHE A 2 -0.24 -7.60 -4.77
C PHE A 2 0.39 -6.23 -4.54
N ARG A 3 -0.09 -5.23 -5.28
CA ARG A 3 0.42 -3.87 -5.15
C ARG A 3 -0.20 -3.17 -3.94
N LEU A 4 0.24 -3.57 -2.75
CA LEU A 4 -0.27 -2.99 -1.51
C LEU A 4 0.85 -2.34 -0.72
N LYS A 5 2.00 -2.15 -1.37
CA LYS A 5 3.16 -1.55 -0.72
C LYS A 5 3.29 -0.07 -1.10
N LYS A 6 2.34 0.41 -1.91
CA LYS A 6 2.35 1.80 -2.35
C LYS A 6 1.27 2.60 -1.64
N TRP A 7 0.20 1.92 -1.23
CA TRP A 7 -0.90 2.57 -0.54
C TRP A 7 -0.77 2.39 0.97
N ILE A 8 0.01 1.42 1.39
CA ILE A 8 0.22 1.15 2.81
C ILE A 8 0.88 2.34 3.50
N GLN A 9 1.85 2.95 2.82
CA GLN A 9 2.55 4.10 3.36
C GLN A 9 1.58 5.22 3.72
N LYS A 10 0.40 5.18 3.12
CA LYS A 10 -0.63 6.20 3.38
C LYS A 10 -1.71 5.65 4.29
N VAL A 11 -2.04 4.37 4.11
CA VAL A 11 -3.07 3.72 4.93
C VAL A 11 -2.58 3.49 6.34
N ILE A 12 -1.26 3.42 6.52
CA ILE A 12 -0.66 3.21 7.82
C ILE A 12 -1.13 4.26 8.83
N VAL A 1 -0.11 -7.73 -9.08
CA VAL A 1 -1.21 -8.35 -8.36
C VAL A 1 -1.32 -7.81 -6.94
N PHE A 2 -0.30 -8.07 -6.14
CA PHE A 2 -0.27 -7.60 -4.76
C PHE A 2 0.27 -6.19 -4.66
N ARG A 3 -0.47 -5.23 -5.22
CA ARG A 3 -0.06 -3.84 -5.20
C ARG A 3 -0.58 -3.13 -3.96
N LEU A 4 -0.15 -3.59 -2.79
CA LEU A 4 -0.59 -3.01 -1.52
C LEU A 4 0.60 -2.39 -0.78
N LYS A 5 1.73 -2.28 -1.48
CA LYS A 5 2.92 -1.69 -0.89
C LYS A 5 3.07 -0.23 -1.29
N LYS A 6 2.09 0.27 -2.04
CA LYS A 6 2.11 1.66 -2.49
C LYS A 6 1.08 2.49 -1.72
N TRP A 7 0.06 1.83 -1.20
CA TRP A 7 -0.98 2.51 -0.43
C TRP A 7 -0.76 2.33 1.07
N ILE A 8 -0.01 1.30 1.43
CA ILE A 8 0.27 1.02 2.83
C ILE A 8 0.96 2.20 3.49
N GLN A 9 1.90 2.81 2.78
CA GLN A 9 2.63 3.96 3.30
C GLN A 9 1.69 5.09 3.67
N LYS A 10 0.47 5.04 3.14
CA LYS A 10 -0.53 6.06 3.41
C LYS A 10 -1.56 5.56 4.41
N VAL A 11 -1.95 4.30 4.26
CA VAL A 11 -2.93 3.70 5.16
C VAL A 11 -2.37 3.54 6.57
N ILE A 12 -1.06 3.40 6.66
CA ILE A 12 -0.40 3.24 7.95
C ILE A 12 -0.83 4.34 8.92
N VAL A 1 0.85 -8.91 -8.82
CA VAL A 1 -0.20 -7.93 -9.02
C VAL A 1 -0.72 -7.39 -7.69
N PHE A 2 0.21 -7.11 -6.77
CA PHE A 2 -0.16 -6.59 -5.46
C PHE A 2 0.32 -5.15 -5.30
N ARG A 3 -0.63 -4.23 -5.20
CA ARG A 3 -0.32 -2.81 -5.05
C ARG A 3 -0.79 -2.29 -3.69
N LEU A 4 -0.28 -2.89 -2.62
CA LEU A 4 -0.65 -2.50 -1.26
C LEU A 4 0.53 -1.86 -0.54
N LYS A 5 1.60 -1.59 -1.30
CA LYS A 5 2.80 -0.98 -0.73
C LYS A 5 2.83 0.52 -1.02
N LYS A 6 1.79 1.01 -1.68
CA LYS A 6 1.70 2.43 -2.02
C LYS A 6 0.65 3.13 -1.16
N TRP A 7 -0.31 2.37 -0.66
CA TRP A 7 -1.37 2.92 0.18
C TRP A 7 -1.08 2.66 1.65
N ILE A 8 -0.22 1.68 1.91
CA ILE A 8 0.15 1.33 3.29
C ILE A 8 0.83 2.50 3.98
N GLN A 9 1.71 3.20 3.26
CA GLN A 9 2.43 4.33 3.81
C GLN A 9 1.46 5.39 4.33
N LYS A 10 0.21 5.34 3.86
CA LYS A 10 -0.81 6.29 4.28
C LYS A 10 -1.79 5.64 5.24
N VAL A 11 -2.07 4.36 5.02
CA VAL A 11 -2.99 3.62 5.88
C VAL A 11 -2.35 3.28 7.22
N ILE A 12 -1.02 3.27 7.25
CA ILE A 12 -0.29 2.96 8.47
C ILE A 12 -0.73 3.88 9.61
N VAL A 1 4.56 -7.90 -4.02
CA VAL A 1 3.81 -9.05 -4.50
C VAL A 1 2.51 -8.61 -5.18
N PHE A 2 1.80 -7.70 -4.53
CA PHE A 2 0.54 -7.19 -5.06
C PHE A 2 0.60 -5.69 -5.28
N ARG A 3 -0.55 -5.08 -5.57
CA ARG A 3 -0.62 -3.64 -5.79
C ARG A 3 -1.11 -2.92 -4.55
N LEU A 4 -0.81 -3.47 -3.38
CA LEU A 4 -1.22 -2.88 -2.12
C LEU A 4 -0.01 -2.37 -1.33
N LYS A 5 1.14 -2.37 -1.98
CA LYS A 5 2.37 -1.91 -1.35
C LYS A 5 2.67 -0.46 -1.70
N LYS A 6 1.77 0.16 -2.47
CA LYS A 6 1.92 1.54 -2.88
C LYS A 6 0.97 2.45 -2.13
N TRP A 7 -0.14 1.88 -1.66
CA TRP A 7 -1.14 2.64 -0.92
C TRP A 7 -0.99 2.41 0.58
N ILE A 8 -0.35 1.30 0.94
CA ILE A 8 -0.15 0.96 2.34
C ILE A 8 0.64 2.06 3.06
N GLN A 9 1.64 2.60 2.38
CA GLN A 9 2.48 3.65 2.96
C GLN A 9 1.63 4.88 3.31
N LYS A 10 0.44 4.95 2.73
CA LYS A 10 -0.48 6.06 2.98
C LYS A 10 -1.59 5.65 3.94
N VAL A 11 -2.11 4.45 3.75
CA VAL A 11 -3.19 3.94 4.60
C VAL A 11 -2.68 3.64 6.00
N ILE A 12 -1.39 3.35 6.11
CA ILE A 12 -0.78 3.04 7.40
C ILE A 12 -0.88 4.23 8.35
N VAL A 1 -2.13 -7.80 -8.84
CA VAL A 1 -2.96 -7.14 -7.84
C VAL A 1 -2.36 -7.29 -6.44
N PHE A 2 -1.04 -7.44 -6.37
CA PHE A 2 -0.35 -7.60 -5.11
C PHE A 2 0.45 -6.34 -4.76
N ARG A 3 -0.01 -5.20 -5.26
CA ARG A 3 0.66 -3.93 -5.01
C ARG A 3 0.07 -3.24 -3.79
N LEU A 4 0.47 -3.70 -2.61
CA LEU A 4 -0.03 -3.13 -1.36
C LEU A 4 1.08 -2.36 -0.64
N LYS A 5 2.20 -2.16 -1.32
CA LYS A 5 3.33 -1.45 -0.74
C LYS A 5 3.35 0.00 -1.22
N LYS A 6 2.37 0.36 -2.05
CA LYS A 6 2.28 1.73 -2.58
C LYS A 6 1.17 2.50 -1.87
N TRP A 7 0.18 1.78 -1.35
CA TRP A 7 -0.92 2.41 -0.65
C TRP A 7 -0.74 2.32 0.86
N ILE A 8 0.11 1.39 1.30
CA ILE A 8 0.37 1.20 2.71
C ILE A 8 0.96 2.47 3.33
N GLN A 9 1.87 3.11 2.61
CA GLN A 9 2.51 4.34 3.07
C GLN A 9 1.46 5.37 3.49
N LYS A 10 0.26 5.22 2.95
CA LYS A 10 -0.84 6.14 3.25
C LYS A 10 -1.83 5.52 4.23
N VAL A 11 -1.99 4.21 4.14
CA VAL A 11 -2.90 3.48 5.01
C VAL A 11 -2.33 3.38 6.42
N ILE A 12 -1.02 3.45 6.53
CA ILE A 12 -0.35 3.37 7.83
C ILE A 12 -0.99 4.31 8.84
N VAL A 1 -1.79 -9.70 -3.00
CA VAL A 1 -0.97 -8.61 -2.48
C VAL A 1 0.19 -8.31 -3.43
N PHE A 2 -0.10 -7.57 -4.50
CA PHE A 2 0.92 -7.22 -5.48
C PHE A 2 1.15 -5.71 -5.49
N ARG A 3 0.07 -4.95 -5.51
CA ARG A 3 0.16 -3.49 -5.53
C ARG A 3 -0.46 -2.90 -4.26
N LEU A 4 -0.02 -3.39 -3.11
CA LEU A 4 -0.53 -2.91 -1.83
C LEU A 4 0.59 -2.31 -0.99
N LYS A 5 1.75 -2.13 -1.61
CA LYS A 5 2.91 -1.56 -0.92
C LYS A 5 3.08 -0.09 -1.25
N LYS A 6 2.22 0.40 -2.16
CA LYS A 6 2.28 1.80 -2.56
C LYS A 6 1.19 2.61 -1.87
N TRP A 7 0.11 1.94 -1.47
CA TRP A 7 -1.00 2.60 -0.79
C TRP A 7 -0.91 2.39 0.72
N ILE A 8 -0.16 1.37 1.13
CA ILE A 8 -0.01 1.07 2.55
C ILE A 8 0.63 2.23 3.29
N GLN A 9 1.64 2.85 2.67
CA GLN A 9 2.32 3.98 3.27
C GLN A 9 1.33 5.07 3.70
N LYS A 10 0.16 5.06 3.08
CA LYS A 10 -0.88 6.03 3.38
C LYS A 10 -1.99 5.40 4.23
N VAL A 11 -2.22 4.10 4.03
CA VAL A 11 -3.25 3.39 4.76
C VAL A 11 -2.80 3.10 6.19
N ILE A 12 -1.49 3.09 6.41
CA ILE A 12 -0.94 2.85 7.74
C ILE A 12 -1.62 3.72 8.79
N VAL A 1 -3.97 -7.15 -6.98
CA VAL A 1 -3.84 -6.61 -5.63
C VAL A 1 -2.48 -6.95 -5.03
N PHE A 2 -1.45 -6.93 -5.87
CA PHE A 2 -0.10 -7.24 -5.43
C PHE A 2 0.64 -5.96 -5.03
N ARG A 3 0.21 -4.83 -5.59
CA ARG A 3 0.83 -3.55 -5.29
C ARG A 3 0.21 -2.92 -4.04
N LEU A 4 0.65 -3.39 -2.87
CA LEU A 4 0.15 -2.88 -1.61
C LEU A 4 1.19 -2.01 -0.92
N LYS A 5 2.27 -1.72 -1.63
CA LYS A 5 3.35 -0.88 -1.08
C LYS A 5 3.18 0.57 -1.51
N LYS A 6 2.09 0.85 -2.22
CA LYS A 6 1.81 2.21 -2.69
C LYS A 6 0.67 2.83 -1.88
N TRP A 7 -0.19 1.98 -1.33
CA TRP A 7 -1.32 2.45 -0.54
C TRP A 7 -1.02 2.34 0.95
N ILE A 8 -0.07 1.49 1.30
CA ILE A 8 0.32 1.29 2.70
C ILE A 8 0.79 2.60 3.33
N GLN A 9 1.55 3.37 2.57
CA GLN A 9 2.07 4.64 3.04
C GLN A 9 0.93 5.60 3.40
N LYS A 10 -0.26 5.28 2.90
CA LYS A 10 -1.44 6.10 3.17
C LYS A 10 -2.33 5.47 4.22
N VAL A 11 -2.51 4.15 4.12
CA VAL A 11 -3.33 3.41 5.06
C VAL A 11 -2.67 3.34 6.44
N ILE A 12 -1.35 3.43 6.45
CA ILE A 12 -0.59 3.36 7.70
C ILE A 12 -1.06 4.42 8.68
N VAL A 1 -4.55 -7.56 -3.99
CA VAL A 1 -3.69 -7.16 -5.09
C VAL A 1 -2.22 -7.25 -4.71
N PHE A 2 -1.35 -7.14 -5.70
CA PHE A 2 0.10 -7.20 -5.47
C PHE A 2 0.66 -5.81 -5.19
N ARG A 3 -0.01 -4.80 -5.70
CA ARG A 3 0.43 -3.42 -5.50
C ARG A 3 -0.11 -2.86 -4.20
N LEU A 4 0.52 -3.21 -3.09
CA LEU A 4 0.10 -2.75 -1.77
C LEU A 4 1.21 -1.94 -1.10
N LYS A 5 2.19 -1.52 -1.89
CA LYS A 5 3.31 -0.74 -1.37
C LYS A 5 3.13 0.75 -1.69
N LYS A 6 2.04 1.07 -2.39
CA LYS A 6 1.76 2.46 -2.76
C LYS A 6 0.64 3.02 -1.88
N TRP A 7 -0.21 2.13 -1.36
CA TRP A 7 -1.31 2.56 -0.50
C TRP A 7 -0.94 2.40 0.97
N ILE A 8 0.06 1.57 1.25
CA ILE A 8 0.49 1.34 2.62
C ILE A 8 1.02 2.62 3.24
N GLN A 9 1.76 3.41 2.46
CA GLN A 9 2.32 4.66 2.94
C GLN A 9 1.22 5.57 3.49
N LYS A 10 -0.01 5.33 3.06
CA LYS A 10 -1.15 6.12 3.52
C LYS A 10 -1.98 5.35 4.52
N VAL A 11 -2.01 4.03 4.38
CA VAL A 11 -2.77 3.17 5.27
C VAL A 11 -2.07 3.04 6.62
N ILE A 12 -0.76 3.22 6.63
CA ILE A 12 0.02 3.11 7.85
C ILE A 12 -0.19 4.34 8.74
N VAL A 1 -4.73 -7.30 -4.45
CA VAL A 1 -3.66 -7.19 -5.42
C VAL A 1 -2.30 -7.31 -4.75
N PHE A 2 -1.24 -7.35 -5.57
CA PHE A 2 0.11 -7.47 -5.06
C PHE A 2 0.69 -6.10 -4.74
N ARG A 3 0.21 -5.07 -5.44
CA ARG A 3 0.70 -3.71 -5.23
C ARG A 3 0.00 -3.08 -4.03
N LEU A 4 0.37 -3.51 -2.83
CA LEU A 4 -0.22 -2.98 -1.61
C LEU A 4 0.84 -2.33 -0.73
N LYS A 5 2.02 -2.09 -1.30
CA LYS A 5 3.12 -1.47 -0.57
C LYS A 5 3.24 0.02 -0.91
N LYS A 6 2.32 0.50 -1.74
CA LYS A 6 2.31 1.90 -2.14
C LYS A 6 1.16 2.65 -1.49
N TRP A 7 0.11 1.92 -1.13
CA TRP A 7 -1.06 2.52 -0.50
C TRP A 7 -1.01 2.33 1.01
N ILE A 8 -0.24 1.34 1.46
CA ILE A 8 -0.10 1.06 2.88
C ILE A 8 0.49 2.25 3.63
N GLN A 9 1.48 2.90 3.01
CA GLN A 9 2.13 4.06 3.61
C GLN A 9 1.11 5.14 3.96
N LYS A 10 -0.04 5.09 3.29
CA LYS A 10 -1.10 6.06 3.53
C LYS A 10 -2.24 5.44 4.34
N VAL A 11 -2.44 4.15 4.17
CA VAL A 11 -3.49 3.44 4.89
C VAL A 11 -3.09 3.19 6.34
N ILE A 12 -1.79 3.19 6.60
CA ILE A 12 -1.28 2.97 7.95
C ILE A 12 -1.97 3.89 8.95
#